data_7ESL
#
_entry.id   7ESL
#
_cell.length_a   57.589
_cell.length_b   65.291
_cell.length_c   107.260
_cell.angle_alpha   90.000
_cell.angle_beta   90.000
_cell.angle_gamma   90.000
#
_symmetry.space_group_name_H-M   'P 21 21 21'
#
loop_
_entity.id
_entity.type
_entity.pdbx_description
1 polymer 'L-rhamnose-alpha-1,4-D-glucuronate lyase'
2 non-polymer 'SODIUM ION'
3 water water
#
_entity_poly.entity_id   1
_entity_poly.type   'polypeptide(L)'
_entity_poly.pdbx_seq_one_letter_code
;EFLTVKSTKQWTIGTDVQGSERLNGVSYQEDALITYGDYQYVTFYETAPAGYLNHFVKVGRRRVSPSVGDWEFLTLDDYT
QKTMDGHNMISMGISGDGKIHLSFDHHDVPINYRISKNGIAKDVPSKWTSDLFDPVVHELVGSQGPYSPLTYPRFEPLGN
GDLLLEFRIGQSGSGDSYIHRYSASTGKWQAYGMYIQGDDNNAYINGLDYLDGKLYTSWTVRETPNADTNHGVYFAYSND
DGKTWFNTADTKLTKPISTSDDSTLIWDIPQNSRMVNQEGQLIDTKGRFHILMRDLLSGEHQYQHYLRKADGTWTKNAIN
PAGLNGPDLYDPRGKLAGDASGEYLFGILPDPVKQSTGIYVATASKDFKDWKSLAEIPNTSTEPLFDKTRLHESGILSVF
VRQAGGFPDRKLQVWDFELDLLEQKLISEEDLNSAVDHHHHHH
;
_entity_poly.pdbx_strand_id   A
#
# COMPACT_ATOMS: atom_id res chain seq x y z
N LEU A 3 -1.42 -22.67 12.59
CA LEU A 3 -1.33 -21.20 12.99
C LEU A 3 -2.56 -20.69 13.74
N THR A 4 -2.34 -20.05 14.87
CA THR A 4 -3.44 -19.64 15.72
C THR A 4 -3.14 -18.20 16.21
N VAL A 5 -4.14 -17.58 16.82
CA VAL A 5 -3.96 -16.28 17.44
C VAL A 5 -3.70 -16.45 18.97
N LYS A 6 -2.57 -15.93 19.45
CA LYS A 6 -2.22 -15.89 20.90
C LYS A 6 -2.91 -14.78 21.65
N SER A 7 -3.04 -13.63 21.04
CA SER A 7 -3.70 -12.51 21.65
C SER A 7 -4.13 -11.53 20.60
N THR A 8 -5.21 -10.83 20.91
CA THR A 8 -5.73 -9.71 20.12
C THR A 8 -5.73 -8.46 20.97
N LYS A 9 -5.18 -7.35 20.47
CA LYS A 9 -5.20 -6.04 21.15
C LYS A 9 -5.53 -4.97 20.18
N GLN A 10 -6.12 -3.88 20.66
CA GLN A 10 -6.47 -2.75 19.77
C GLN A 10 -6.20 -1.49 20.48
N TRP A 11 -5.91 -0.46 19.71
CA TRP A 11 -5.79 0.89 20.20
C TRP A 11 -6.54 1.83 19.35
N THR A 12 -7.27 2.75 19.95
CA THR A 12 -7.81 3.90 19.24
C THR A 12 -6.76 4.99 19.11
N ILE A 13 -6.46 5.44 17.89
CA ILE A 13 -5.43 6.43 17.68
C ILE A 13 -5.94 7.79 17.23
N GLY A 14 -7.23 7.91 16.93
CA GLY A 14 -7.78 9.19 16.48
C GLY A 14 -9.22 9.10 16.12
N THR A 15 -9.84 10.25 15.93
CA THR A 15 -11.18 10.31 15.45
C THR A 15 -11.07 10.59 13.97
N ASP A 16 -11.75 9.80 13.14
CA ASP A 16 -11.67 9.98 11.71
C ASP A 16 -12.31 11.28 11.27
N VAL A 17 -11.90 11.78 10.13
CA VAL A 17 -12.45 13.02 9.60
C VAL A 17 -13.77 12.82 8.89
N GLN A 18 -14.55 13.92 8.86
CA GLN A 18 -15.86 13.92 8.30
C GLN A 18 -15.88 14.28 6.82
N GLY A 19 -16.61 13.48 6.05
CA GLY A 19 -16.79 13.85 4.65
C GLY A 19 -17.41 12.77 3.81
N SER A 20 -17.62 13.10 2.54
CA SER A 20 -18.30 12.14 1.64
C SER A 20 -17.30 11.05 1.19
N GLU A 21 -15.99 11.25 1.44
CA GLU A 21 -14.92 10.31 1.05
C GLU A 21 -14.12 9.85 2.16
N ARG A 22 -13.52 8.67 1.99
CA ARG A 22 -12.57 8.11 2.96
C ARG A 22 -11.17 8.69 2.63
N LEU A 23 -10.58 9.44 3.54
CA LEU A 23 -9.22 9.97 3.39
C LEU A 23 -8.19 9.13 4.14
N ASN A 24 -8.60 8.40 5.16
CA ASN A 24 -7.81 7.50 5.92
C ASN A 24 -8.17 6.05 5.63
N GLY A 25 -7.18 5.16 5.51
CA GLY A 25 -7.40 3.69 5.24
C GLY A 25 -7.76 3.43 3.81
N VAL A 26 -6.93 3.94 2.94
CA VAL A 26 -7.09 3.89 1.48
C VAL A 26 -6.07 2.84 0.94
N SER A 27 -6.52 2.09 -0.09
CA SER A 27 -5.83 0.87 -0.51
C SER A 27 -4.31 1.11 -0.89
N TYR A 28 -4.06 2.23 -1.52
CA TYR A 28 -2.75 2.57 -2.09
C TYR A 28 -1.92 3.47 -1.21
N GLN A 29 -2.29 3.57 0.06
CA GLN A 29 -1.32 4.04 1.05
C GLN A 29 -0.14 3.10 1.16
N GLU A 30 1.07 3.60 0.92
CA GLU A 30 2.24 2.74 0.87
C GLU A 30 3.41 3.54 1.42
N ASP A 31 3.57 3.58 2.75
CA ASP A 31 2.73 2.88 3.72
C ASP A 31 2.12 3.75 4.78
N ALA A 32 1.11 3.21 5.49
CA ALA A 32 0.49 3.95 6.58
C ALA A 32 1.08 3.56 7.93
N LEU A 33 1.63 2.35 8.04
CA LEU A 33 2.00 1.78 9.33
C LEU A 33 3.28 1.03 9.12
N ILE A 34 4.35 1.45 9.84
CA ILE A 34 5.75 0.99 9.60
C ILE A 34 6.44 0.76 10.96
N THR A 35 7.11 -0.36 11.08
CA THR A 35 8.05 -0.55 12.16
C THR A 35 9.49 -0.38 11.61
N TYR A 36 10.28 0.42 12.33
CA TYR A 36 11.68 0.66 11.99
C TYR A 36 12.45 0.64 13.30
N GLY A 37 13.41 -0.31 13.40
CA GLY A 37 14.17 -0.46 14.63
C GLY A 37 13.19 -0.90 15.69
N ASP A 38 13.16 -0.23 16.82
CA ASP A 38 12.41 -0.69 17.97
C ASP A 38 11.03 0.00 18.09
N TYR A 39 10.68 0.82 17.10
CA TYR A 39 9.47 1.64 17.14
C TYR A 39 8.53 1.38 15.92
N GLN A 40 7.24 1.61 16.17
CA GLN A 40 6.22 1.60 15.13
C GLN A 40 5.66 3.00 14.96
N TYR A 41 5.40 3.38 13.71
CA TYR A 41 4.96 4.70 13.29
C TYR A 41 3.65 4.55 12.47
N VAL A 42 2.80 5.56 12.51
CA VAL A 42 1.56 5.56 11.77
C VAL A 42 1.24 6.99 11.36
N THR A 43 0.60 7.19 10.26
CA THR A 43 0.21 8.53 9.85
C THR A 43 -1.25 8.55 9.39
N PHE A 44 -1.91 9.67 9.64
CA PHE A 44 -3.34 9.81 9.37
C PHE A 44 -3.76 11.25 9.43
N TYR A 45 -4.90 11.56 8.87
CA TYR A 45 -5.47 12.89 8.98
C TYR A 45 -6.37 12.98 10.24
N GLU A 46 -6.34 14.15 10.89
CA GLU A 46 -7.31 14.52 11.95
C GLU A 46 -7.88 15.90 11.64
N THR A 47 -9.06 16.16 12.17
CA THR A 47 -9.67 17.45 11.94
C THR A 47 -8.92 18.59 12.63
N ALA A 48 -8.68 19.64 11.87
CA ALA A 48 -8.00 20.90 12.35
C ALA A 48 -9.05 21.77 13.15
N PRO A 49 -8.57 22.76 13.89
CA PRO A 49 -9.50 23.62 14.65
C PRO A 49 -10.45 24.38 13.79
N ALA A 50 -10.13 24.67 12.55
CA ALA A 50 -11.10 25.29 11.67
C ALA A 50 -12.35 24.42 11.43
N GLY A 51 -12.26 23.13 11.73
CA GLY A 51 -13.37 22.16 11.63
C GLY A 51 -13.55 21.53 10.25
N TYR A 52 -14.79 21.18 9.93
CA TYR A 52 -15.20 20.51 8.71
C TYR A 52 -14.41 20.99 7.47
N LEU A 53 -13.79 20.03 6.81
CA LEU A 53 -12.99 20.15 5.53
C LEU A 53 -11.67 20.89 5.77
N ASN A 54 -11.19 20.79 7.00
CA ASN A 54 -9.80 21.23 7.33
C ASN A 54 -9.12 20.15 8.12
N HIS A 55 -8.03 19.56 7.62
CA HIS A 55 -7.37 18.47 8.31
C HIS A 55 -5.84 18.68 8.34
N PHE A 56 -5.22 18.18 9.38
CA PHE A 56 -3.77 18.12 9.50
C PHE A 56 -3.29 16.68 9.48
N VAL A 57 -2.12 16.46 8.91
CA VAL A 57 -1.42 15.16 8.98
C VAL A 57 -0.91 15.04 10.37
N LYS A 58 -1.05 13.86 10.92
CA LYS A 58 -0.53 13.48 12.21
C LYS A 58 0.44 12.32 12.01
N VAL A 59 1.47 12.23 12.84
CA VAL A 59 2.31 11.08 12.87
C VAL A 59 2.33 10.53 14.29
N GLY A 60 2.11 9.23 14.46
CA GLY A 60 2.17 8.63 15.75
C GLY A 60 3.38 7.71 15.83
N ARG A 61 3.93 7.54 17.03
CA ARG A 61 4.94 6.57 17.27
C ARG A 61 4.69 5.91 18.57
N ARG A 62 5.22 4.71 18.66
CA ARG A 62 5.26 3.98 19.96
C ARG A 62 6.36 3.01 19.92
N ARG A 63 6.93 2.73 21.09
CA ARG A 63 7.95 1.70 21.19
C ARG A 63 7.25 0.36 21.06
N VAL A 64 7.86 -0.56 20.31
CA VAL A 64 7.34 -1.97 20.25
C VAL A 64 8.32 -3.09 20.67
N SER A 65 9.58 -2.76 20.84
CA SER A 65 10.63 -3.71 21.24
C SER A 65 11.58 -2.97 22.17
N PRO A 66 12.11 -3.64 23.21
CA PRO A 66 11.75 -5.04 23.58
C PRO A 66 10.39 -5.17 24.29
N SER A 67 9.76 -4.05 24.64
CA SER A 67 8.37 -4.02 25.10
C SER A 67 7.56 -2.92 24.41
N VAL A 68 6.24 -3.08 24.41
CA VAL A 68 5.31 -2.13 23.82
C VAL A 68 4.97 -1.02 24.80
N GLY A 69 5.15 0.21 24.35
CA GLY A 69 4.73 1.38 25.12
C GLY A 69 3.63 2.13 24.47
N ASP A 70 3.29 3.30 25.00
CA ASP A 70 2.12 4.03 24.57
C ASP A 70 2.35 4.81 23.31
N TRP A 71 1.30 4.93 22.52
CA TRP A 71 1.31 5.81 21.35
C TRP A 71 1.46 7.28 21.78
N GLU A 72 2.31 8.01 21.09
CA GLU A 72 2.31 9.47 21.13
C GLU A 72 2.22 10.07 19.73
N PHE A 73 1.75 11.31 19.66
CA PHE A 73 1.38 11.91 18.35
C PHE A 73 1.95 13.30 18.22
N LEU A 74 2.28 13.69 17.01
CA LEU A 74 2.56 15.05 16.65
C LEU A 74 1.62 15.49 15.57
N THR A 75 1.33 16.77 15.52
CA THR A 75 0.40 17.32 14.56
C THR A 75 1.13 18.29 13.65
N LEU A 76 1.05 18.06 12.35
CA LEU A 76 1.64 18.97 11.40
C LEU A 76 0.70 20.06 11.02
N ASP A 77 0.71 21.11 11.83
CA ASP A 77 -0.30 22.16 11.75
C ASP A 77 0.06 23.29 10.86
N ASP A 78 0.98 23.07 9.91
CA ASP A 78 1.39 23.99 8.88
C ASP A 78 0.92 23.68 7.51
N TYR A 79 0.15 22.60 7.33
CA TYR A 79 -0.38 22.26 6.01
C TYR A 79 -1.80 21.78 6.24
N THR A 80 -2.74 22.54 5.70
CA THR A 80 -4.12 22.18 5.83
C THR A 80 -4.64 21.48 4.63
N GLN A 81 -5.02 20.19 4.84
CA GLN A 81 -5.69 19.39 3.79
C GLN A 81 -7.15 19.81 3.71
N LYS A 82 -7.62 20.14 2.53
CA LYS A 82 -8.97 20.69 2.34
C LYS A 82 -9.81 20.02 1.25
N THR A 83 -9.27 19.06 0.55
CA THR A 83 -9.88 18.50 -0.66
C THR A 83 -10.56 17.20 -0.34
N MET A 84 -11.89 17.19 -0.44
CA MET A 84 -12.67 16.05 -0.11
C MET A 84 -12.72 15.12 -1.32
N ASP A 85 -11.62 14.40 -1.51
CA ASP A 85 -11.43 13.53 -2.65
C ASP A 85 -10.70 12.29 -2.08
N GLY A 86 -11.27 11.13 -2.35
CA GLY A 86 -10.82 9.89 -1.74
C GLY A 86 -9.44 9.46 -2.25
N HIS A 87 -8.92 10.13 -3.28
CA HIS A 87 -7.56 9.87 -3.72
C HIS A 87 -6.49 10.51 -2.86
N ASN A 88 -6.86 11.51 -2.08
CA ASN A 88 -5.90 12.43 -1.42
C ASN A 88 -5.35 11.92 -0.14
N MET A 89 -4.83 10.70 -0.20
CA MET A 89 -4.31 10.00 1.00
C MET A 89 -2.83 10.32 1.31
N ILE A 90 -2.28 9.67 2.35
CA ILE A 90 -0.94 9.89 2.83
C ILE A 90 -0.15 8.58 2.71
N SER A 91 1.06 8.65 2.16
CA SER A 91 2.04 7.55 2.22
C SER A 91 3.25 8.04 3.02
N MET A 92 3.90 7.11 3.71
CA MET A 92 5.06 7.38 4.54
C MET A 92 6.15 6.33 4.19
N GLY A 93 7.40 6.74 4.30
CA GLY A 93 8.51 5.86 4.15
C GLY A 93 9.63 6.22 5.13
N ILE A 94 10.47 5.24 5.49
CA ILE A 94 11.54 5.47 6.44
C ILE A 94 12.82 4.90 5.84
N SER A 95 13.79 5.78 5.58
CA SER A 95 15.11 5.44 4.96
C SER A 95 16.10 5.01 6.00
N GLY A 96 17.22 4.44 5.56
CA GLY A 96 18.19 3.80 6.44
C GLY A 96 19.07 4.81 7.22
N ASP A 97 18.92 6.10 6.93
CA ASP A 97 19.48 7.21 7.68
C ASP A 97 18.48 7.57 8.83
N GLY A 98 17.33 6.93 8.87
CA GLY A 98 16.36 7.11 9.93
C GLY A 98 15.41 8.26 9.66
N LYS A 99 15.46 8.84 8.44
CA LYS A 99 14.58 9.97 8.17
C LYS A 99 13.19 9.40 7.77
N ILE A 100 12.14 10.13 8.16
CA ILE A 100 10.76 9.78 7.88
C ILE A 100 10.29 10.74 6.84
N HIS A 101 9.76 10.16 5.76
CA HIS A 101 9.28 10.88 4.63
C HIS A 101 7.73 10.74 4.49
N LEU A 102 7.06 11.83 4.05
CA LEU A 102 5.62 11.87 3.86
C LEU A 102 5.31 12.52 2.55
N SER A 103 4.38 11.91 1.83
CA SER A 103 3.83 12.49 0.60
C SER A 103 2.31 12.32 0.64
N PHE A 104 1.54 13.35 0.26
CA PHE A 104 0.13 13.34 0.63
C PHE A 104 -0.66 14.34 -0.16
N ASP A 105 -1.99 14.11 -0.15
CA ASP A 105 -3.00 15.11 -0.62
C ASP A 105 -2.89 15.41 -2.12
N HIS A 106 -2.95 14.35 -2.93
CA HIS A 106 -2.92 14.51 -4.38
C HIS A 106 -4.05 13.85 -5.15
N HIS A 107 -4.71 14.67 -5.96
CA HIS A 107 -5.37 14.17 -7.18
C HIS A 107 -5.07 15.03 -8.36
N ASP A 108 -4.13 14.61 -9.18
CA ASP A 108 -3.76 15.29 -10.39
C ASP A 108 -3.27 16.74 -10.11
N VAL A 109 -2.39 16.86 -9.13
CA VAL A 109 -1.82 18.16 -8.70
C VAL A 109 -0.34 18.00 -8.48
N PRO A 110 0.40 19.09 -8.16
CA PRO A 110 1.80 18.93 -7.91
C PRO A 110 2.11 18.22 -6.62
N ILE A 111 3.28 17.61 -6.63
CA ILE A 111 3.71 16.86 -5.46
C ILE A 111 3.70 17.69 -4.18
N ASN A 112 3.32 17.07 -3.09
CA ASN A 112 3.43 17.54 -1.74
C ASN A 112 4.27 16.50 -0.99
N TYR A 113 5.39 16.97 -0.45
CA TYR A 113 6.39 16.07 0.18
C TYR A 113 7.02 16.78 1.35
N ARG A 114 7.35 16.04 2.39
CA ARG A 114 8.18 16.60 3.42
C ARG A 114 9.00 15.48 4.07
N ILE A 115 10.02 15.87 4.80
CA ILE A 115 10.99 14.87 5.43
C ILE A 115 11.32 15.38 6.83
N SER A 116 11.69 14.49 7.69
CA SER A 116 12.17 14.92 8.96
C SER A 116 13.55 15.59 8.79
N LYS A 117 13.86 16.55 9.68
CA LYS A 117 15.15 17.24 9.69
C LYS A 117 16.32 16.30 9.92
N ASN A 118 16.20 15.43 10.91
CA ASN A 118 17.21 14.49 11.27
C ASN A 118 16.65 13.07 11.19
N GLY A 119 17.53 12.10 11.43
CA GLY A 119 17.20 10.71 11.38
C GLY A 119 16.50 10.23 12.62
N ILE A 120 15.29 10.73 12.80
CA ILE A 120 14.55 10.50 14.05
C ILE A 120 14.15 9.05 14.33
N ALA A 121 14.10 8.19 13.31
CA ALA A 121 13.87 6.76 13.56
C ALA A 121 15.13 5.98 13.91
N LYS A 122 16.31 6.60 13.72
CA LYS A 122 17.61 5.99 14.01
C LYS A 122 18.16 6.53 15.36
N ASP A 123 18.31 7.85 15.40
CA ASP A 123 18.66 8.62 16.64
C ASP A 123 17.39 9.15 17.18
N VAL A 124 16.78 8.35 18.05
CA VAL A 124 15.39 8.52 18.45
C VAL A 124 15.24 9.67 19.44
N PRO A 125 14.50 10.73 19.12
CA PRO A 125 14.46 11.85 20.06
C PRO A 125 13.49 11.63 21.22
N SER A 126 13.76 12.29 22.35
CA SER A 126 12.92 12.10 23.51
C SER A 126 11.57 12.58 23.26
N LYS A 127 11.44 13.80 22.75
CA LYS A 127 10.19 14.43 22.52
C LYS A 127 9.75 14.27 21.04
N TRP A 128 8.45 14.11 20.87
CA TRP A 128 7.84 13.86 19.58
C TRP A 128 6.95 15.05 19.23
N THR A 129 7.48 16.00 18.45
CA THR A 129 6.84 17.24 18.13
C THR A 129 6.98 17.52 16.65
N SER A 130 6.10 18.38 16.20
CA SER A 130 5.99 18.81 14.81
C SER A 130 7.27 19.51 14.31
N ASP A 131 8.04 20.10 15.21
CA ASP A 131 9.24 20.77 14.72
C ASP A 131 10.35 19.79 14.35
N LEU A 132 10.12 18.46 14.53
CA LEU A 132 10.99 17.44 13.95
C LEU A 132 10.96 17.41 12.38
N PHE A 133 9.99 18.06 11.76
CA PHE A 133 9.80 17.99 10.31
C PHE A 133 10.10 19.28 9.61
N ASP A 134 10.78 19.17 8.46
CA ASP A 134 10.90 20.28 7.56
C ASP A 134 9.62 20.64 6.86
N PRO A 135 9.59 21.83 6.22
CA PRO A 135 8.38 22.30 5.59
C PRO A 135 8.01 21.46 4.34
N VAL A 136 6.75 21.55 4.03
CA VAL A 136 6.22 20.96 2.78
C VAL A 136 6.91 21.62 1.57
N VAL A 137 7.37 20.78 0.67
CA VAL A 137 7.97 21.20 -0.59
C VAL A 137 7.30 20.53 -1.71
N HIS A 138 7.59 20.97 -2.91
CA HIS A 138 6.92 20.53 -4.16
C HIS A 138 7.87 20.15 -5.23
N GLU A 139 8.87 19.39 -4.82
CA GLU A 139 9.95 18.87 -5.60
C GLU A 139 10.73 17.86 -4.76
N LEU A 140 11.69 17.19 -5.36
CA LEU A 140 12.55 16.18 -4.74
C LEU A 140 13.99 16.60 -4.96
N VAL A 141 14.58 17.18 -3.90
CA VAL A 141 15.88 17.85 -4.03
C VAL A 141 16.89 16.88 -4.57
N GLY A 142 17.55 17.24 -5.70
CA GLY A 142 18.55 16.38 -6.35
C GLY A 142 18.00 15.81 -7.65
N SER A 143 16.66 15.74 -7.75
CA SER A 143 16.02 15.12 -8.87
C SER A 143 15.39 16.16 -9.79
N GLN A 144 14.47 15.74 -10.64
CA GLN A 144 13.79 16.62 -11.56
C GLN A 144 12.38 16.16 -11.78
N GLY A 145 11.54 17.10 -12.22
CA GLY A 145 10.17 16.73 -12.54
C GLY A 145 10.03 15.93 -13.84
N PRO A 146 8.81 15.64 -14.27
CA PRO A 146 7.58 16.32 -13.83
C PRO A 146 7.07 15.91 -12.43
N TYR A 147 6.64 16.92 -11.68
CA TYR A 147 5.99 16.70 -10.40
C TYR A 147 4.49 16.89 -10.38
N SER A 148 3.90 17.09 -11.56
CA SER A 148 2.49 17.37 -11.73
C SER A 148 2.07 16.94 -13.11
N PRO A 149 0.84 16.50 -13.30
CA PRO A 149 -0.18 16.19 -12.30
C PRO A 149 0.04 14.82 -11.68
N LEU A 150 0.18 14.85 -10.34
CA LEU A 150 0.59 13.67 -9.59
C LEU A 150 -0.59 13.09 -8.85
N THR A 151 -0.67 11.73 -8.89
CA THR A 151 -1.56 10.98 -8.04
C THR A 151 -0.81 9.72 -7.59
N TYR A 152 -1.09 9.28 -6.36
CA TYR A 152 -0.66 7.94 -5.89
C TYR A 152 0.79 7.85 -5.54
N PRO A 153 1.25 8.63 -4.53
CA PRO A 153 2.62 8.43 -4.08
C PRO A 153 2.75 7.08 -3.38
N ARG A 154 3.82 6.36 -3.64
CA ARG A 154 4.11 5.04 -3.02
C ARG A 154 5.58 4.96 -2.75
N PHE A 155 5.98 4.62 -1.52
CA PHE A 155 7.34 4.47 -1.11
C PHE A 155 7.71 2.98 -1.01
N GLU A 156 8.97 2.66 -1.32
CA GLU A 156 9.49 1.31 -1.12
C GLU A 156 10.93 1.38 -0.61
N PRO A 157 11.18 0.83 0.59
CA PRO A 157 12.54 0.83 1.09
C PRO A 157 13.43 -0.25 0.47
N LEU A 158 14.62 0.15 0.03
CA LEU A 158 15.62 -0.72 -0.59
C LEU A 158 16.53 -1.33 0.43
N GLY A 159 17.38 -2.23 -0.03
CA GLY A 159 18.26 -3.02 0.84
C GLY A 159 19.41 -2.27 1.46
N ASN A 160 19.81 -1.20 0.82
CA ASN A 160 20.97 -0.42 1.24
C ASN A 160 20.56 0.85 2.03
N GLY A 161 19.30 0.94 2.50
CA GLY A 161 18.73 2.12 3.18
C GLY A 161 18.10 3.18 2.32
N ASP A 162 18.25 3.05 1.01
CA ASP A 162 17.65 4.01 0.12
C ASP A 162 16.14 3.76 0.05
N LEU A 163 15.41 4.71 -0.55
CA LEU A 163 13.99 4.65 -0.59
C LEU A 163 13.50 5.07 -2.01
N LEU A 164 12.63 4.27 -2.61
CA LEU A 164 11.96 4.69 -3.82
C LEU A 164 10.70 5.45 -3.54
N LEU A 165 10.39 6.42 -4.37
CA LEU A 165 9.09 7.08 -4.42
C LEU A 165 8.57 7.01 -5.84
N GLU A 166 7.38 6.44 -6.01
CA GLU A 166 6.77 6.16 -7.32
C GLU A 166 5.40 6.85 -7.35
N PHE A 167 4.94 7.26 -8.50
CA PHE A 167 3.67 7.86 -8.62
C PHE A 167 3.28 7.96 -10.11
N ARG A 168 2.00 8.29 -10.34
CA ARG A 168 1.49 8.54 -11.70
C ARG A 168 1.55 10.04 -11.99
N ILE A 169 2.00 10.35 -13.23
CA ILE A 169 1.91 11.68 -13.79
C ILE A 169 0.94 11.58 -14.94
N GLY A 170 -0.13 12.36 -14.87
CA GLY A 170 -1.13 12.41 -15.93
C GLY A 170 -2.50 12.30 -15.30
N GLN A 171 -3.38 11.45 -15.84
CA GLN A 171 -4.71 11.32 -15.31
C GLN A 171 -5.23 9.93 -15.57
N SER A 172 -6.40 9.66 -14.95
CA SER A 172 -7.06 8.41 -15.16
C SER A 172 -7.39 8.31 -16.64
N GLY A 173 -6.96 7.22 -17.23
CA GLY A 173 -7.21 7.05 -18.71
C GLY A 173 -6.20 7.65 -19.62
N SER A 174 -5.17 8.33 -19.07
CA SER A 174 -4.08 8.85 -19.89
C SER A 174 -2.95 9.30 -18.97
N GLY A 175 -2.03 8.34 -18.67
CA GLY A 175 -1.01 8.65 -17.73
C GLY A 175 0.11 7.66 -17.75
N ASP A 176 1.23 8.11 -17.16
CA ASP A 176 2.47 7.38 -17.08
C ASP A 176 2.91 7.32 -15.62
N SER A 177 3.79 6.40 -15.28
CA SER A 177 4.37 6.40 -13.94
C SER A 177 5.90 6.55 -13.91
N TYR A 178 6.41 7.11 -12.80
CA TYR A 178 7.78 7.51 -12.60
C TYR A 178 8.32 6.99 -11.31
N ILE A 179 9.66 6.79 -11.26
CA ILE A 179 10.31 6.41 -10.01
C ILE A 179 11.42 7.41 -9.72
N HIS A 180 11.59 7.69 -8.46
CA HIS A 180 12.68 8.55 -7.93
C HIS A 180 13.34 7.77 -6.80
N ARG A 181 14.65 7.94 -6.63
CA ARG A 181 15.37 7.20 -5.58
C ARG A 181 16.05 8.19 -4.65
N TYR A 182 15.81 7.98 -3.35
CA TYR A 182 16.46 8.80 -2.32
C TYR A 182 17.67 8.03 -1.80
N SER A 183 18.82 8.72 -1.76
CA SER A 183 20.03 8.11 -1.22
C SER A 183 20.13 8.42 0.29
N ALA A 184 20.20 7.39 1.11
CA ALA A 184 20.35 7.58 2.54
C ALA A 184 21.80 8.04 2.86
N SER A 185 22.74 7.82 1.95
CA SER A 185 24.13 8.26 2.18
C SER A 185 24.32 9.78 1.85
N THR A 186 23.68 10.30 0.82
CA THR A 186 23.81 11.70 0.48
C THR A 186 22.65 12.60 0.81
N GLY A 187 21.47 11.99 1.09
CA GLY A 187 20.25 12.73 1.26
C GLY A 187 19.70 13.42 0.04
N LYS A 188 20.15 13.04 -1.11
CA LYS A 188 19.68 13.57 -2.37
C LYS A 188 18.78 12.50 -3.08
N TRP A 189 17.82 13.02 -3.78
CA TRP A 189 16.97 12.23 -4.72
C TRP A 189 17.62 12.21 -6.10
N GLN A 190 17.36 11.13 -6.87
CA GLN A 190 17.64 11.10 -8.28
C GLN A 190 16.47 10.56 -9.04
N ALA A 191 16.38 10.95 -10.31
CA ALA A 191 15.29 10.57 -11.18
C ALA A 191 15.65 9.26 -11.86
N TYR A 192 14.84 8.23 -11.68
CA TYR A 192 14.90 7.02 -12.50
C TYR A 192 14.07 7.14 -13.77
N GLY A 193 13.23 8.19 -13.87
CA GLY A 193 12.52 8.54 -15.05
C GLY A 193 11.20 7.74 -15.16
N MET A 194 10.57 7.86 -16.33
CA MET A 194 9.29 7.15 -16.60
C MET A 194 9.58 5.69 -16.75
N TYR A 195 8.86 4.86 -15.99
CA TYR A 195 9.08 3.42 -16.10
C TYR A 195 7.94 2.68 -16.78
N ILE A 196 6.73 3.26 -16.79
CA ILE A 196 5.61 2.70 -17.52
C ILE A 196 4.87 3.87 -18.18
N GLN A 197 4.60 3.65 -19.46
CA GLN A 197 3.96 4.70 -20.28
C GLN A 197 2.59 4.20 -20.77
N GLY A 198 1.56 5.04 -20.59
CA GLY A 198 0.22 4.81 -21.06
C GLY A 198 0.16 5.02 -22.55
N ASP A 199 -0.94 4.57 -23.15
CA ASP A 199 -1.19 4.74 -24.61
C ASP A 199 -2.68 5.06 -24.71
N ASP A 200 -3.02 6.31 -24.41
CA ASP A 200 -4.39 6.74 -24.20
CA ASP A 200 -4.39 6.70 -24.24
C ASP A 200 -5.07 5.85 -23.19
N ASN A 201 -4.30 5.45 -22.18
CA ASN A 201 -4.81 4.73 -20.99
C ASN A 201 -3.77 4.92 -19.88
N ASN A 202 -3.98 4.33 -18.70
CA ASN A 202 -2.96 4.36 -17.65
C ASN A 202 -2.84 3.01 -16.97
N ALA A 203 -1.64 2.60 -16.60
CA ALA A 203 -1.44 1.52 -15.74
C ALA A 203 -1.75 1.90 -14.28
N TYR A 204 -2.38 0.98 -13.59
CA TYR A 204 -2.67 1.04 -12.13
C TYR A 204 -1.94 -0.06 -11.46
N ILE A 205 -0.80 0.25 -10.85
CA ILE A 205 -0.06 -0.81 -10.15
C ILE A 205 -0.73 -1.10 -8.82
N ASN A 206 -0.45 -2.29 -8.29
CA ASN A 206 -0.96 -2.78 -7.06
C ASN A 206 -0.12 -2.51 -5.86
N GLY A 207 1.14 -2.09 -6.08
CA GLY A 207 2.06 -1.87 -5.02
C GLY A 207 3.48 -2.00 -5.57
N LEU A 208 4.46 -1.81 -4.70
CA LEU A 208 5.83 -2.19 -5.00
C LEU A 208 6.23 -3.21 -4.01
N ASP A 209 7.02 -4.17 -4.40
CA ASP A 209 7.52 -5.22 -3.52
C ASP A 209 8.97 -5.49 -3.82
N TYR A 210 9.82 -5.16 -2.86
CA TYR A 210 11.26 -5.37 -3.01
C TYR A 210 11.71 -6.50 -2.14
N LEU A 211 12.60 -7.37 -2.66
CA LEU A 211 13.14 -8.50 -1.84
C LEU A 211 14.46 -8.94 -2.49
N ASP A 212 15.51 -8.93 -1.68
CA ASP A 212 16.86 -9.53 -2.04
C ASP A 212 17.34 -9.02 -3.37
N GLY A 213 17.23 -7.69 -3.52
CA GLY A 213 17.67 -7.02 -4.74
C GLY A 213 16.80 -7.04 -5.99
N LYS A 214 15.57 -7.51 -5.86
CA LYS A 214 14.61 -7.51 -6.98
C LYS A 214 13.35 -6.72 -6.56
N LEU A 215 12.86 -5.98 -7.50
CA LEU A 215 11.72 -5.12 -7.31
C LEU A 215 10.60 -5.69 -8.19
N TYR A 216 9.39 -5.94 -7.61
CA TYR A 216 8.24 -6.61 -8.30
C TYR A 216 7.03 -5.70 -8.35
N THR A 217 6.36 -5.58 -9.48
CA THR A 217 5.08 -4.90 -9.52
C THR A 217 4.11 -5.64 -10.48
N SER A 218 2.81 -5.31 -10.32
CA SER A 218 1.74 -5.91 -11.07
C SER A 218 0.72 -4.79 -11.28
N TRP A 219 -0.04 -4.89 -12.33
CA TRP A 219 -1.02 -3.82 -12.67
C TRP A 219 -2.11 -4.27 -13.58
N THR A 220 -3.15 -3.39 -13.64
CA THR A 220 -4.15 -3.48 -14.69
C THR A 220 -4.13 -2.19 -15.48
N VAL A 221 -4.68 -2.22 -16.69
CA VAL A 221 -4.70 -1.06 -17.52
C VAL A 221 -6.12 -0.48 -17.61
N ARG A 222 -6.24 0.83 -17.48
CA ARG A 222 -7.52 1.54 -17.42
C ARG A 222 -7.65 2.39 -18.69
N GLU A 223 -8.71 2.19 -19.46
CA GLU A 223 -8.85 3.00 -20.66
C GLU A 223 -9.42 4.40 -20.40
N THR A 224 -10.40 4.53 -19.53
CA THR A 224 -11.08 5.80 -19.31
C THR A 224 -11.25 6.07 -17.81
N PRO A 225 -11.76 7.26 -17.44
CA PRO A 225 -12.08 7.47 -15.98
C PRO A 225 -13.21 6.62 -15.39
N ASN A 226 -13.90 5.86 -16.23
CA ASN A 226 -14.89 4.84 -15.80
C ASN A 226 -14.19 3.59 -15.33
N ALA A 227 -14.38 3.24 -14.05
CA ALA A 227 -13.69 2.08 -13.48
C ALA A 227 -14.03 0.72 -14.11
N ASP A 228 -15.09 0.67 -14.92
CA ASP A 228 -15.39 -0.56 -15.67
C ASP A 228 -14.39 -0.87 -16.82
N THR A 229 -13.50 0.09 -17.10
CA THR A 229 -12.63 0.01 -18.27
C THR A 229 -11.21 -0.49 -17.93
N ASN A 230 -11.03 -1.06 -16.75
CA ASN A 230 -9.85 -1.86 -16.47
C ASN A 230 -9.81 -3.18 -17.25
N HIS A 231 -8.61 -3.57 -17.73
CA HIS A 231 -8.45 -4.85 -18.38
C HIS A 231 -7.05 -5.33 -18.18
N GLY A 232 -6.99 -6.66 -17.98
CA GLY A 232 -5.71 -7.38 -17.84
C GLY A 232 -5.09 -7.40 -16.48
N VAL A 233 -4.28 -8.43 -16.24
CA VAL A 233 -3.40 -8.45 -15.07
C VAL A 233 -2.00 -8.66 -15.63
N TYR A 234 -1.12 -7.76 -15.28
CA TYR A 234 0.25 -7.62 -15.84
C TYR A 234 1.27 -7.71 -14.72
N PHE A 235 2.52 -8.09 -15.05
CA PHE A 235 3.62 -8.30 -14.13
C PHE A 235 4.94 -7.97 -14.75
N ALA A 236 5.80 -7.34 -13.99
CA ALA A 236 7.20 -7.15 -14.37
C ALA A 236 8.04 -7.06 -13.14
N TYR A 237 9.36 -7.29 -13.30
CA TYR A 237 10.28 -7.13 -12.18
C TYR A 237 11.58 -6.54 -12.71
N SER A 238 12.31 -6.00 -11.77
CA SER A 238 13.61 -5.35 -12.04
C SER A 238 14.67 -5.87 -11.14
N ASN A 239 15.92 -5.90 -11.68
CA ASN A 239 17.08 -6.28 -10.88
C ASN A 239 17.96 -5.12 -10.47
N ASP A 240 17.54 -3.91 -10.80
CA ASP A 240 18.34 -2.73 -10.58
C ASP A 240 17.50 -1.61 -10.04
N ASP A 241 16.52 -1.98 -9.17
CA ASP A 241 15.71 -1.02 -8.38
C ASP A 241 14.87 -0.10 -9.20
N GLY A 242 14.47 -0.52 -10.40
CA GLY A 242 13.51 0.28 -11.14
C GLY A 242 14.02 0.80 -12.46
N LYS A 243 15.29 0.65 -12.77
CA LYS A 243 15.81 1.26 -13.98
C LYS A 243 15.47 0.48 -15.22
N THR A 244 15.70 -0.82 -15.18
CA THR A 244 15.32 -1.74 -16.25
C THR A 244 14.46 -2.88 -15.72
N TRP A 245 13.62 -3.39 -16.60
CA TRP A 245 12.58 -4.30 -16.24
C TRP A 245 12.53 -5.48 -17.20
N PHE A 246 12.00 -6.55 -16.66
CA PHE A 246 11.78 -7.86 -17.31
C PHE A 246 10.38 -8.35 -17.14
N ASN A 247 9.88 -9.15 -18.08
CA ASN A 247 8.60 -9.82 -17.90
C ASN A 247 8.82 -11.16 -17.16
N THR A 248 7.74 -11.92 -16.97
CA THR A 248 7.77 -13.15 -16.21
C THR A 248 8.73 -14.23 -16.73
N ALA A 249 9.03 -14.16 -18.03
CA ALA A 249 9.94 -15.08 -18.72
C ALA A 249 11.37 -14.58 -18.77
N ASP A 250 11.69 -13.49 -18.03
CA ASP A 250 13.00 -12.85 -18.00
C ASP A 250 13.44 -12.23 -19.29
N THR A 251 12.50 -11.89 -20.14
CA THR A 251 12.79 -11.09 -21.32
C THR A 251 12.84 -9.59 -20.96
N LYS A 252 13.95 -8.94 -21.29
CA LYS A 252 14.12 -7.51 -21.04
C LYS A 252 13.09 -6.71 -21.84
N LEU A 253 12.47 -5.74 -21.18
CA LEU A 253 11.48 -4.87 -21.81
C LEU A 253 12.07 -3.55 -22.28
N THR A 254 11.31 -2.87 -23.15
CA THR A 254 11.58 -1.49 -23.43
C THR A 254 11.44 -0.63 -22.20
N LYS A 255 12.16 0.48 -22.19
CA LYS A 255 12.17 1.45 -21.13
C LYS A 255 11.69 2.77 -21.75
N PRO A 256 10.56 3.33 -21.40
CA PRO A 256 9.58 2.76 -20.45
C PRO A 256 8.88 1.52 -21.00
N ILE A 257 8.30 0.76 -20.07
CA ILE A 257 7.34 -0.29 -20.44
C ILE A 257 6.11 0.38 -21.02
N SER A 258 5.58 -0.05 -22.18
CA SER A 258 4.31 0.47 -22.67
C SER A 258 3.15 -0.38 -22.23
N THR A 259 2.03 0.26 -21.97
CA THR A 259 0.80 -0.52 -21.70
C THR A 259 0.37 -1.29 -22.91
N SER A 260 0.84 -0.89 -24.10
CA SER A 260 0.51 -1.62 -25.33
C SER A 260 1.33 -2.88 -25.56
N ASP A 261 2.32 -3.16 -24.70
CA ASP A 261 3.18 -4.31 -24.81
C ASP A 261 2.54 -5.49 -24.11
N ASP A 262 2.04 -6.48 -24.86
CA ASP A 262 1.33 -7.57 -24.24
CA ASP A 262 1.32 -7.58 -24.27
C ASP A 262 2.25 -8.60 -23.64
N SER A 263 3.55 -8.41 -23.77
CA SER A 263 4.50 -9.47 -23.23
C SER A 263 4.54 -9.52 -21.71
N THR A 264 3.96 -8.52 -21.07
CA THR A 264 3.86 -8.51 -19.60
C THR A 264 2.51 -8.98 -19.09
N LEU A 265 1.59 -9.33 -19.98
CA LEU A 265 0.25 -9.79 -19.57
C LEU A 265 0.41 -11.21 -18.99
N ILE A 266 -0.11 -11.44 -17.78
CA ILE A 266 -0.13 -12.76 -17.19
C ILE A 266 -1.56 -13.35 -17.06
N TRP A 267 -2.62 -12.57 -17.27
CA TRP A 267 -3.98 -13.07 -17.24
C TRP A 267 -4.85 -12.17 -17.98
N ASP A 268 -5.60 -12.75 -18.92
CA ASP A 268 -6.53 -11.97 -19.65
C ASP A 268 -7.82 -11.72 -18.87
N ILE A 269 -8.13 -10.45 -18.63
CA ILE A 269 -9.34 -10.08 -17.90
C ILE A 269 -9.93 -8.93 -18.66
N PRO A 270 -11.07 -9.15 -19.34
CA PRO A 270 -11.66 -8.07 -20.12
C PRO A 270 -12.21 -6.92 -19.29
N GLN A 271 -12.48 -5.85 -19.96
CA GLN A 271 -13.24 -4.78 -19.40
C GLN A 271 -14.62 -5.31 -18.99
N ASN A 272 -15.27 -4.60 -18.08
CA ASN A 272 -16.58 -5.00 -17.49
C ASN A 272 -16.57 -6.34 -16.75
N SER A 273 -15.42 -6.76 -16.24
CA SER A 273 -15.28 -7.91 -15.39
C SER A 273 -15.47 -7.63 -13.93
N ARG A 274 -15.68 -6.36 -13.59
CA ARG A 274 -15.81 -5.94 -12.20
C ARG A 274 -14.57 -6.12 -11.35
N MET A 275 -13.42 -5.99 -12.02
CA MET A 275 -12.11 -6.05 -11.37
C MET A 275 -11.65 -4.60 -11.10
N VAL A 276 -11.29 -4.32 -9.84
CA VAL A 276 -10.82 -2.99 -9.46
C VAL A 276 -9.29 -2.86 -9.52
N ASN A 277 -8.92 -1.64 -9.83
CA ASN A 277 -7.52 -1.20 -9.83
C ASN A 277 -6.98 -0.99 -8.37
N GLN A 278 -5.65 -1.23 -8.22
CA GLN A 278 -4.91 -0.87 -7.01
C GLN A 278 -5.43 -1.63 -5.82
N GLU A 279 -5.41 -2.99 -5.97
CA GLU A 279 -5.80 -3.85 -4.88
C GLU A 279 -4.58 -4.27 -4.10
N GLY A 280 -4.08 -5.48 -4.22
CA GLY A 280 -2.96 -5.90 -3.43
C GLY A 280 -1.97 -6.79 -4.10
N GLN A 281 -0.72 -6.76 -3.63
CA GLN A 281 0.33 -7.67 -4.08
C GLN A 281 1.27 -8.03 -3.02
N LEU A 282 2.08 -9.08 -3.26
CA LEU A 282 3.05 -9.51 -2.26
C LEU A 282 4.13 -10.33 -2.87
N ILE A 283 5.39 -9.92 -2.65
CA ILE A 283 6.51 -10.90 -2.75
C ILE A 283 6.65 -11.57 -1.42
N ASP A 284 6.49 -12.89 -1.40
CA ASP A 284 6.70 -13.62 -0.10
C ASP A 284 8.22 -13.87 0.07
N THR A 285 8.63 -14.20 1.30
CA THR A 285 10.02 -14.32 1.63
C THR A 285 10.73 -15.45 0.89
N LYS A 286 9.99 -16.40 0.28
CA LYS A 286 10.56 -17.40 -0.62
C LYS A 286 10.55 -16.94 -2.08
N GLY A 287 10.17 -15.67 -2.36
CA GLY A 287 10.32 -15.22 -3.74
C GLY A 287 9.16 -15.59 -4.62
N ARG A 288 8.06 -16.09 -4.06
CA ARG A 288 6.83 -16.37 -4.86
C ARG A 288 6.07 -15.03 -4.86
N PHE A 289 5.57 -14.63 -6.02
CA PHE A 289 4.82 -13.37 -6.16
C PHE A 289 3.33 -13.67 -6.17
N HIS A 290 2.57 -12.85 -5.44
CA HIS A 290 1.14 -12.99 -5.31
C HIS A 290 0.45 -11.71 -5.72
N ILE A 291 -0.74 -11.86 -6.31
CA ILE A 291 -1.61 -10.70 -6.57
C ILE A 291 -2.99 -11.03 -5.97
N LEU A 292 -3.59 -10.02 -5.34
CA LEU A 292 -4.98 -10.01 -4.96
C LEU A 292 -5.76 -9.10 -5.84
N MET A 293 -6.75 -9.66 -6.57
CA MET A 293 -7.72 -8.85 -7.25
C MET A 293 -9.16 -9.44 -7.02
N ARG A 294 -10.09 -9.12 -7.91
CA ARG A 294 -11.49 -9.56 -7.82
C ARG A 294 -12.05 -9.56 -9.21
N ASP A 295 -13.10 -10.39 -9.40
CA ASP A 295 -13.86 -10.30 -10.63
C ASP A 295 -15.22 -11.06 -10.46
N LEU A 296 -16.06 -10.93 -11.47
CA LEU A 296 -17.41 -11.55 -11.56
C LEU A 296 -17.38 -12.68 -12.63
N LEU A 297 -16.20 -13.08 -13.11
CA LEU A 297 -16.14 -13.97 -14.27
C LEU A 297 -16.68 -15.39 -13.99
N SER A 298 -16.71 -15.85 -12.74
CA SER A 298 -17.39 -17.09 -12.41
C SER A 298 -18.90 -17.02 -12.42
N GLY A 299 -19.48 -15.82 -12.52
CA GLY A 299 -20.90 -15.61 -12.25
C GLY A 299 -21.20 -15.12 -10.83
N GLU A 300 -20.21 -15.17 -9.93
CA GLU A 300 -20.29 -14.56 -8.58
C GLU A 300 -19.07 -13.62 -8.37
N HIS A 301 -19.27 -12.58 -7.55
CA HIS A 301 -18.17 -11.63 -7.26
C HIS A 301 -17.29 -12.36 -6.32
N GLN A 302 -15.99 -12.52 -6.62
CA GLN A 302 -15.08 -13.20 -5.71
C GLN A 302 -13.68 -12.52 -5.75
N TYR A 303 -13.07 -12.47 -4.57
CA TYR A 303 -11.63 -12.19 -4.49
C TYR A 303 -10.85 -13.30 -5.25
N GLN A 304 -9.74 -12.89 -5.86
CA GLN A 304 -8.91 -13.73 -6.72
C GLN A 304 -7.46 -13.67 -6.31
N HIS A 305 -6.83 -14.84 -6.16
CA HIS A 305 -5.45 -14.97 -5.85
C HIS A 305 -4.67 -15.45 -7.08
N TYR A 306 -3.76 -14.62 -7.59
CA TYR A 306 -2.86 -14.96 -8.65
C TYR A 306 -1.51 -15.28 -8.03
N LEU A 307 -0.93 -16.41 -8.41
CA LEU A 307 0.35 -16.89 -7.89
C LEU A 307 1.34 -17.17 -9.01
N ARG A 308 2.52 -16.62 -8.88
CA ARG A 308 3.64 -16.91 -9.76
C ARG A 308 4.49 -17.98 -9.06
N LYS A 309 4.30 -19.22 -9.48
CA LYS A 309 4.94 -20.36 -8.81
C LYS A 309 6.40 -20.42 -9.16
N ALA A 310 7.13 -21.17 -8.31
CA ALA A 310 8.60 -21.33 -8.49
C ALA A 310 8.90 -21.92 -9.86
N ASP A 311 8.03 -22.78 -10.39
CA ASP A 311 8.31 -23.37 -11.73
C ASP A 311 8.03 -22.41 -12.89
N GLY A 312 7.68 -21.15 -12.61
CA GLY A 312 7.36 -20.19 -13.66
C GLY A 312 5.91 -20.04 -14.03
N THR A 313 5.08 -21.01 -13.65
CA THR A 313 3.72 -20.98 -14.09
C THR A 313 2.91 -20.05 -13.18
N TRP A 314 1.87 -19.51 -13.76
CA TRP A 314 0.96 -18.70 -13.05
C TRP A 314 -0.34 -19.44 -12.85
N THR A 315 -0.92 -19.38 -11.66
CA THR A 315 -2.27 -19.87 -11.37
C THR A 315 -3.21 -18.74 -10.85
N LYS A 316 -4.50 -18.97 -10.97
CA LYS A 316 -5.55 -18.06 -10.58
C LYS A 316 -6.54 -18.88 -9.82
N ASN A 317 -6.76 -18.57 -8.54
CA ASN A 317 -7.69 -19.31 -7.63
CA ASN A 317 -7.78 -19.28 -7.75
C ASN A 317 -8.63 -18.30 -6.94
N ALA A 318 -9.93 -18.53 -6.92
CA ALA A 318 -10.78 -17.72 -6.08
C ALA A 318 -10.52 -17.93 -4.59
N ILE A 319 -10.59 -16.86 -3.83
CA ILE A 319 -10.50 -16.93 -2.37
C ILE A 319 -11.93 -16.98 -1.79
N ASN A 320 -12.36 -18.18 -1.45
CA ASN A 320 -13.75 -18.37 -1.17
C ASN A 320 -13.92 -19.22 0.08
N PRO A 321 -13.23 -18.87 1.16
CA PRO A 321 -13.54 -19.53 2.43
C PRO A 321 -14.99 -19.27 2.90
N ALA A 322 -15.53 -20.21 3.68
CA ALA A 322 -16.86 -20.07 4.27
C ALA A 322 -17.03 -18.71 4.92
N GLY A 323 -18.10 -18.00 4.59
CA GLY A 323 -18.44 -16.80 5.32
C GLY A 323 -18.02 -15.50 4.66
N LEU A 324 -17.15 -15.58 3.67
CA LEU A 324 -16.61 -14.38 3.08
C LEU A 324 -17.50 -13.99 1.95
N ASN A 325 -18.03 -12.77 2.01
CA ASN A 325 -18.79 -12.21 0.99
C ASN A 325 -17.90 -11.51 -0.03
N GLY A 326 -18.14 -11.85 -1.28
CA GLY A 326 -17.32 -11.36 -2.34
C GLY A 326 -17.59 -9.95 -2.73
N PRO A 327 -16.53 -9.24 -3.12
CA PRO A 327 -16.67 -7.83 -3.43
C PRO A 327 -16.93 -7.49 -4.85
N ASP A 328 -17.71 -6.42 -5.06
CA ASP A 328 -17.90 -5.84 -6.38
C ASP A 328 -16.92 -4.63 -6.56
N LEU A 329 -16.92 -4.05 -7.75
CA LEU A 329 -15.93 -3.14 -8.23
C LEU A 329 -15.62 -1.99 -7.23
N TYR A 330 -16.64 -1.42 -6.55
CA TYR A 330 -16.48 -0.22 -5.77
C TYR A 330 -16.38 -0.52 -4.30
N ASP A 331 -16.36 -1.79 -3.93
CA ASP A 331 -16.18 -2.14 -2.52
C ASP A 331 -14.71 -2.03 -2.06
N PRO A 332 -14.44 -1.92 -0.74
CA PRO A 332 -13.09 -1.75 -0.22
C PRO A 332 -12.15 -2.85 -0.64
N ARG A 333 -10.91 -2.47 -0.89
CA ARG A 333 -9.84 -3.34 -1.35
C ARG A 333 -9.03 -3.94 -0.27
N GLY A 334 -8.54 -5.16 -0.49
CA GLY A 334 -7.75 -5.86 0.48
C GLY A 334 -6.25 -5.93 0.29
N LYS A 335 -5.57 -6.72 1.12
CA LYS A 335 -4.12 -6.87 0.98
C LYS A 335 -3.72 -8.31 1.31
N LEU A 336 -2.49 -8.64 0.95
CA LEU A 336 -1.84 -9.94 1.26
C LEU A 336 -0.57 -9.66 2.07
N ALA A 337 -0.43 -10.34 3.23
CA ALA A 337 0.74 -10.25 4.05
C ALA A 337 1.39 -11.65 4.18
N GLY A 338 2.67 -11.70 4.49
CA GLY A 338 3.44 -12.95 4.62
C GLY A 338 4.24 -12.97 5.88
N ASP A 339 4.39 -14.16 6.46
CA ASP A 339 5.26 -14.30 7.62
C ASP A 339 6.73 -14.46 7.19
N ALA A 340 7.62 -14.44 8.18
CA ALA A 340 9.07 -14.54 7.97
C ALA A 340 9.44 -15.77 7.20
N SER A 341 8.77 -16.90 7.48
CA SER A 341 9.15 -18.18 6.86
C SER A 341 8.75 -18.32 5.41
N GLY A 342 7.74 -17.56 4.96
CA GLY A 342 7.20 -17.67 3.61
C GLY A 342 6.17 -18.79 3.49
N GLU A 343 5.91 -19.53 4.56
CA GLU A 343 4.89 -20.59 4.56
C GLU A 343 3.44 -20.11 4.65
N TYR A 344 3.21 -18.95 5.30
CA TYR A 344 1.90 -18.53 5.64
C TYR A 344 1.58 -17.24 4.88
N LEU A 345 0.45 -17.27 4.19
CA LEU A 345 -0.14 -16.19 3.45
C LEU A 345 -1.38 -15.71 4.16
N PHE A 346 -1.43 -14.40 4.48
CA PHE A 346 -2.58 -13.84 5.11
C PHE A 346 -3.34 -12.97 4.14
N GLY A 347 -4.62 -13.30 3.92
CA GLY A 347 -5.53 -12.42 3.27
C GLY A 347 -6.20 -11.50 4.26
N ILE A 348 -6.08 -10.21 4.04
CA ILE A 348 -6.62 -9.18 4.86
C ILE A 348 -7.71 -8.54 4.06
N LEU A 349 -8.95 -9.02 4.25
CA LEU A 349 -9.98 -8.86 3.28
C LEU A 349 -11.19 -8.20 3.88
N PRO A 350 -11.46 -6.94 3.47
CA PRO A 350 -12.70 -6.31 3.89
C PRO A 350 -13.94 -6.97 3.28
N ASP A 351 -14.92 -7.17 4.15
CA ASP A 351 -16.16 -7.89 3.78
C ASP A 351 -17.27 -6.85 3.69
N PRO A 352 -17.87 -6.64 2.51
CA PRO A 352 -18.80 -5.53 2.30
C PRO A 352 -20.20 -5.79 2.90
N VAL A 353 -20.45 -6.99 3.33
CA VAL A 353 -21.74 -7.31 3.92
C VAL A 353 -21.61 -7.14 5.43
N LYS A 354 -20.60 -7.78 6.00
CA LYS A 354 -20.35 -7.72 7.40
C LYS A 354 -19.84 -6.36 7.91
N GLN A 355 -19.35 -5.47 7.03
CA GLN A 355 -18.69 -4.24 7.49
CA GLN A 355 -18.61 -4.22 7.45
C GLN A 355 -17.58 -4.54 8.50
N SER A 356 -16.71 -5.50 8.18
CA SER A 356 -15.60 -5.92 9.01
C SER A 356 -14.43 -6.24 8.09
N THR A 357 -13.29 -6.53 8.70
CA THR A 357 -12.11 -6.97 7.99
C THR A 357 -11.77 -8.36 8.39
N GLY A 358 -11.83 -9.30 7.45
CA GLY A 358 -11.44 -10.69 7.82
C GLY A 358 -10.00 -10.93 7.61
N ILE A 359 -9.39 -11.74 8.47
CA ILE A 359 -8.03 -12.16 8.35
C ILE A 359 -8.09 -13.70 8.14
N TYR A 360 -7.71 -14.10 6.96
CA TYR A 360 -7.70 -15.49 6.54
C TYR A 360 -6.29 -15.94 6.27
N VAL A 361 -6.02 -17.22 6.49
CA VAL A 361 -4.66 -17.77 6.32
C VAL A 361 -4.70 -18.96 5.33
N ALA A 362 -3.68 -19.05 4.46
CA ALA A 362 -3.45 -20.20 3.61
C ALA A 362 -2.00 -20.56 3.74
N THR A 363 -1.66 -21.80 3.36
CA THR A 363 -0.28 -22.30 3.51
C THR A 363 0.35 -22.72 2.20
N ALA A 364 1.68 -22.56 2.10
CA ALA A 364 2.38 -22.85 0.85
C ALA A 364 2.32 -24.41 0.63
N SER A 365 2.35 -25.14 1.74
CA SER A 365 2.18 -26.63 1.65
C SER A 365 0.93 -27.16 0.95
N LYS A 366 -0.15 -26.39 0.95
CA LYS A 366 -1.33 -26.77 0.25
C LYS A 366 -1.56 -25.93 -0.94
N ASP A 367 -0.49 -25.36 -1.51
CA ASP A 367 -0.62 -24.52 -2.68
C ASP A 367 -1.58 -23.36 -2.45
N PHE A 368 -1.66 -22.92 -1.17
CA PHE A 368 -2.45 -21.75 -0.80
C PHE A 368 -3.90 -21.90 -1.11
N LYS A 369 -4.34 -23.15 -1.23
CA LYS A 369 -5.78 -23.44 -1.44
C LYS A 369 -6.60 -23.51 -0.16
N ASP A 370 -5.96 -23.66 0.98
CA ASP A 370 -6.60 -23.96 2.27
C ASP A 370 -6.96 -22.74 3.06
N TRP A 371 -7.67 -21.82 2.43
CA TRP A 371 -8.01 -20.54 3.09
C TRP A 371 -8.90 -20.81 4.30
N LYS A 372 -8.43 -20.40 5.49
CA LYS A 372 -9.17 -20.56 6.76
C LYS A 372 -9.34 -19.22 7.47
N SER A 373 -10.49 -18.99 8.08
CA SER A 373 -10.72 -17.85 8.91
C SER A 373 -9.86 -17.92 10.14
N LEU A 374 -9.05 -16.89 10.37
CA LEU A 374 -8.11 -16.83 11.49
C LEU A 374 -8.53 -15.79 12.50
N ALA A 375 -9.00 -14.62 12.04
CA ALA A 375 -9.44 -13.57 12.95
C ALA A 375 -10.27 -12.60 12.20
N GLU A 376 -10.81 -11.64 12.91
CA GLU A 376 -11.69 -10.62 12.34
C GLU A 376 -11.41 -9.31 13.04
N ILE A 377 -11.51 -8.22 12.30
CA ILE A 377 -11.55 -6.89 12.89
C ILE A 377 -12.96 -6.40 12.67
N PRO A 378 -13.75 -6.27 13.75
CA PRO A 378 -15.14 -5.76 13.59
C PRO A 378 -15.24 -4.31 13.25
N ASN A 379 -16.36 -3.89 12.66
CA ASN A 379 -16.73 -2.49 12.50
C ASN A 379 -15.65 -1.72 11.78
N THR A 380 -15.45 -2.05 10.49
CA THR A 380 -14.50 -1.34 9.64
C THR A 380 -15.17 -0.89 8.34
N SER A 381 -14.82 0.30 7.89
CA SER A 381 -15.19 0.81 6.55
C SER A 381 -13.89 1.36 6.04
N THR A 382 -13.06 0.40 5.62
CA THR A 382 -11.64 0.69 5.41
C THR A 382 -11.04 -0.21 4.36
N GLU A 383 -9.95 0.22 3.74
CA GLU A 383 -9.13 -0.66 2.93
C GLU A 383 -7.93 -0.98 3.74
N PRO A 384 -7.91 -2.18 4.34
CA PRO A 384 -7.00 -2.43 5.45
C PRO A 384 -5.52 -2.43 5.03
N LEU A 385 -4.65 -2.00 5.95
CA LEU A 385 -3.22 -1.77 5.62
C LEU A 385 -2.46 -2.38 6.76
N PHE A 386 -1.33 -3.02 6.53
CA PHE A 386 -0.60 -3.72 7.62
C PHE A 386 0.88 -3.28 7.63
N ASP A 387 1.57 -3.76 8.64
CA ASP A 387 2.97 -3.45 8.92
C ASP A 387 3.85 -4.67 8.59
N LYS A 388 4.47 -4.62 7.39
CA LYS A 388 5.30 -5.71 6.98
C LYS A 388 6.39 -6.09 7.90
N THR A 389 7.13 -5.11 8.37
CA THR A 389 8.32 -5.39 9.12
C THR A 389 7.97 -5.97 10.51
N ARG A 390 6.94 -5.44 11.11
CA ARG A 390 6.51 -5.93 12.45
C ARG A 390 6.13 -7.42 12.35
N LEU A 391 5.48 -7.83 11.24
CA LEU A 391 5.13 -9.23 11.08
C LEU A 391 6.35 -10.08 10.94
N HIS A 392 7.27 -9.65 10.05
CA HIS A 392 8.52 -10.40 9.88
C HIS A 392 9.31 -10.52 11.15
N GLU A 393 9.43 -9.44 11.88
CA GLU A 393 10.38 -9.41 12.99
C GLU A 393 9.83 -10.06 14.26
N SER A 394 8.56 -9.88 14.55
CA SER A 394 8.02 -10.34 15.85
CA SER A 394 8.00 -10.27 15.85
C SER A 394 6.83 -11.26 15.72
N GLY A 395 6.41 -11.59 14.50
CA GLY A 395 5.23 -12.44 14.38
C GLY A 395 3.95 -11.81 14.86
N ILE A 396 3.83 -10.48 14.73
CA ILE A 396 2.63 -9.80 15.11
C ILE A 396 2.07 -9.14 13.86
N LEU A 397 0.81 -9.45 13.58
CA LEU A 397 0.12 -8.85 12.43
C LEU A 397 -0.59 -7.59 12.96
N SER A 398 -0.13 -6.42 12.55
CA SER A 398 -0.59 -5.14 13.02
C SER A 398 -1.28 -4.48 11.84
N VAL A 399 -2.54 -4.09 12.01
CA VAL A 399 -3.37 -3.60 10.95
C VAL A 399 -3.97 -2.24 11.33
N PHE A 400 -3.89 -1.27 10.45
CA PHE A 400 -4.48 0.07 10.56
C PHE A 400 -5.81 0.11 9.88
N VAL A 401 -6.87 0.56 10.59
CA VAL A 401 -8.25 0.57 10.09
C VAL A 401 -9.01 1.84 10.46
N ARG A 402 -9.86 2.27 9.55
CA ARG A 402 -10.97 3.20 9.76
C ARG A 402 -12.23 2.39 10.15
N GLN A 403 -12.91 2.81 11.24
CA GLN A 403 -14.17 2.15 11.60
C GLN A 403 -15.25 2.42 10.62
N ALA A 404 -16.34 1.66 10.79
CA ALA A 404 -17.53 2.01 10.16
C ALA A 404 -18.28 2.97 11.11
N GLY A 405 -19.43 3.42 10.71
CA GLY A 405 -20.13 4.30 11.62
C GLY A 405 -20.03 5.75 11.24
N GLY A 406 -20.72 6.60 12.01
CA GLY A 406 -20.89 8.00 11.68
C GLY A 406 -19.87 8.83 12.44
N PHE A 407 -19.50 9.95 11.84
CA PHE A 407 -18.70 10.98 12.54
C PHE A 407 -19.52 11.56 13.72
N PRO A 408 -18.94 11.79 14.91
CA PRO A 408 -17.57 11.57 15.29
C PRO A 408 -17.31 10.25 16.05
N ASP A 409 -18.21 9.26 15.94
CA ASP A 409 -18.02 7.98 16.63
C ASP A 409 -16.93 7.14 15.96
N ARG A 410 -16.75 7.35 14.66
CA ARG A 410 -15.90 6.55 13.85
C ARG A 410 -14.43 6.83 14.11
N LYS A 411 -13.76 5.84 14.66
CA LYS A 411 -12.41 6.01 15.06
C LYS A 411 -11.42 5.39 14.06
N LEU A 412 -10.16 5.77 14.20
CA LEU A 412 -9.00 5.11 13.58
C LEU A 412 -8.40 4.23 14.58
N GLN A 413 -7.99 3.01 14.25
CA GLN A 413 -7.39 2.08 15.20
C GLN A 413 -6.26 1.30 14.61
N VAL A 414 -5.48 0.70 15.49
CA VAL A 414 -4.43 -0.26 15.15
C VAL A 414 -4.74 -1.52 15.92
N TRP A 415 -4.93 -2.64 15.22
CA TRP A 415 -5.15 -3.95 15.79
C TRP A 415 -3.94 -4.84 15.66
N ASP A 416 -3.53 -5.46 16.76
CA ASP A 416 -2.42 -6.36 16.78
C ASP A 416 -2.87 -7.77 17.06
N PHE A 417 -2.64 -8.65 16.10
CA PHE A 417 -2.79 -10.11 16.29
C PHE A 417 -1.50 -10.82 16.48
N GLU A 418 -1.26 -11.31 17.69
CA GLU A 418 -0.06 -12.02 18.00
C GLU A 418 -0.20 -13.45 17.55
N LEU A 419 0.61 -13.87 16.59
CA LEU A 419 0.48 -15.20 16.01
C LEU A 419 1.28 -16.22 16.75
N ASP A 420 0.79 -17.45 16.72
CA ASP A 420 1.48 -18.56 17.36
C ASP A 420 2.10 -19.39 16.29
N LEU A 421 3.21 -18.84 15.78
CA LEU A 421 3.97 -19.33 14.62
C LEU A 421 4.68 -20.69 14.88
#